data_6FMU
#
_entry.id   6FMU
#
_cell.length_a   143.235
_cell.length_b   102.257
_cell.length_c   58.661
_cell.angle_alpha   90.00
_cell.angle_beta   112.97
_cell.angle_gamma   90.00
#
_symmetry.space_group_name_H-M   'C 1 2 1'
#
loop_
_entity.id
_entity.type
_entity.pdbx_description
1 polymer 'Thioredoxin glutathione reductase'
2 non-polymer 'FLAVIN-ADENINE DINUCLEOTIDE'
3 non-polymer 2-[4-(4-azanylbutyl)piperazin-1-yl]ethanol
4 non-polymer 'TRIETHYLENE GLYCOL'
5 water water
#
_entity_poly.entity_id   1
_entity_poly.type   'polypeptide(L)'
_entity_poly.pdbx_seq_one_letter_code
;MPPADGTSQWLRKTVDSAAVILFSKTTCPYCKKVKDVLAEAKIKHATIELDQLSNGSAIQKCLASFSKIETVPQMFVRGK
FIGDSQTVLKYYSNDELAGIVNESKYDYDLIVIGGGSGGLAAGKEAAKYGAKTAVLDYVEPTPIGTTWGLGGTCVNVGCI
PKKLMHQAGLLSHALEDAEHFGWSLDRSKISHNWSTMVEGVQSHIGSLNWGYKVALRDNQVTYLNAKGRLISPHEVQITD
KNQKVSTITGNKIILATGERPKYPEIPGAVEYGITSDDLFSLPYFPGKTLVIGASYVALECAGFLASLGGDVTVMVRSIL
LRGFDQQMAEKVGDYMENHGVKFAKLCVPDEIKQLKVVDTENNKPGLLLVKGHYTDGKKFEEEFETVIFAVGREPQLSKV
LCETVGVKLDKNGRVVCTDDEQTTVSNVYAIGDINAGKPQLTPVAIQAGRYLARRLFAGATELTDYSNVATTVFTPLEYG
ACGLSEEDAIEKYGDKDIEVYHSNFKPLEWTVAHREDNVCYMKLVCRKSDNMRVLGLHVLGPNAGEITQGYAVAIKMGAT
KADFDRTIGIHPTCSETFTTLHVTKKSGVSPIVSGCCG
;
_entity_poly.pdbx_strand_id   A
#
# COMPACT_ATOMS: atom_id res chain seq x y z
N GLY A 6 -22.90 -17.25 19.28
CA GLY A 6 -21.65 -16.67 18.82
C GLY A 6 -21.02 -15.75 19.85
N THR A 7 -21.87 -15.21 20.73
CA THR A 7 -21.39 -14.32 21.78
C THR A 7 -20.29 -14.97 22.62
N SER A 8 -20.46 -16.23 23.02
CA SER A 8 -19.46 -16.84 23.88
C SER A 8 -18.18 -17.15 23.12
N GLN A 9 -18.28 -17.54 21.84
CA GLN A 9 -17.08 -17.70 21.02
C GLN A 9 -16.30 -16.39 20.96
N TRP A 10 -16.99 -15.29 20.70
CA TRP A 10 -16.33 -14.00 20.60
C TRP A 10 -15.67 -13.62 21.93
N LEU A 11 -16.38 -13.83 23.03
CA LEU A 11 -15.83 -13.41 24.31
C LEU A 11 -14.60 -14.21 24.68
N ARG A 12 -14.61 -15.53 24.45
CA ARG A 12 -13.44 -16.35 24.75
C ARG A 12 -12.24 -15.87 23.95
N LYS A 13 -12.44 -15.62 22.66
CA LYS A 13 -11.35 -15.18 21.80
C LYS A 13 -10.83 -13.81 22.26
N THR A 14 -11.74 -12.93 22.65
CA THR A 14 -11.38 -11.58 23.08
C THR A 14 -10.57 -11.62 24.39
N VAL A 15 -11.04 -12.39 25.37
CA VAL A 15 -10.33 -12.45 26.64
C VAL A 15 -8.96 -13.10 26.46
N ASP A 16 -8.87 -14.14 25.64
CA ASP A 16 -7.60 -14.83 25.47
C ASP A 16 -6.55 -13.90 24.86
N SER A 17 -6.96 -13.05 23.91
CA SER A 17 -6.05 -12.29 23.07
C SER A 17 -5.70 -10.92 23.63
N ALA A 18 -6.63 -10.26 24.31
CA ALA A 18 -6.39 -8.88 24.72
C ALA A 18 -5.26 -8.81 25.74
N ALA A 19 -4.46 -7.75 25.64
CA ALA A 19 -3.35 -7.57 26.56
C ALA A 19 -3.83 -7.00 27.87
N VAL A 20 -4.60 -5.91 27.79
CA VAL A 20 -5.18 -5.29 28.97
C VAL A 20 -6.54 -4.78 28.52
N ILE A 21 -7.62 -5.27 29.12
CA ILE A 21 -8.95 -4.90 28.64
C ILE A 21 -9.88 -4.73 29.82
N LEU A 22 -10.73 -3.71 29.73
CA LEU A 22 -11.68 -3.35 30.76
C LEU A 22 -13.08 -3.51 30.18
N PHE A 23 -13.89 -4.37 30.82
CA PHE A 23 -15.30 -4.45 30.49
C PHE A 23 -16.03 -3.47 31.40
N SER A 24 -16.85 -2.62 30.80
CA SER A 24 -17.30 -1.40 31.44
C SER A 24 -18.72 -1.08 30.97
N LYS A 25 -19.32 -0.11 31.64
CA LYS A 25 -20.51 0.59 31.14
C LYS A 25 -20.28 2.08 31.28
N THR A 26 -20.84 2.83 30.33
CA THR A 26 -20.55 4.27 30.25
C THR A 26 -21.00 5.03 31.49
N THR A 27 -22.07 4.55 32.13
CA THR A 27 -22.72 5.28 33.21
C THR A 27 -22.39 4.70 34.59
N CYS A 28 -21.32 3.92 34.70
CA CYS A 28 -20.99 3.25 35.97
C CYS A 28 -19.85 3.99 36.65
N PRO A 29 -20.07 4.55 37.85
CA PRO A 29 -18.97 5.27 38.51
C PRO A 29 -17.87 4.37 39.03
N TYR A 30 -18.17 3.09 39.31
CA TYR A 30 -17.09 2.16 39.63
C TYR A 30 -16.18 1.95 38.43
N CYS A 31 -16.76 1.85 37.24
CA CYS A 31 -15.97 1.78 36.02
C CYS A 31 -15.09 3.02 35.87
N LYS A 32 -15.68 4.21 36.10
CA LYS A 32 -14.90 5.43 35.96
C LYS A 32 -13.76 5.46 36.98
N LYS A 33 -14.03 5.02 38.20
CA LYS A 33 -12.99 4.90 39.21
C LYS A 33 -11.81 4.09 38.68
N VAL A 34 -12.10 2.96 38.02
CA VAL A 34 -11.01 2.15 37.49
C VAL A 34 -10.33 2.88 36.33
N LYS A 35 -11.11 3.46 35.42
CA LYS A 35 -10.52 4.19 34.31
C LYS A 35 -9.54 5.25 34.78
N ASP A 36 -9.93 6.01 35.81
CA ASP A 36 -9.09 7.11 36.27
C ASP A 36 -7.81 6.59 36.92
N VAL A 37 -7.91 5.52 37.71
CA VAL A 37 -6.71 4.90 38.27
C VAL A 37 -5.77 4.48 37.15
N LEU A 38 -6.33 3.83 36.12
CA LEU A 38 -5.50 3.33 35.03
C LEU A 38 -4.85 4.49 34.28
N ALA A 39 -5.64 5.50 33.94
CA ALA A 39 -5.09 6.67 33.25
C ALA A 39 -4.00 7.33 34.08
N GLU A 40 -4.22 7.47 35.39
CA GLU A 40 -3.22 8.09 36.24
C GLU A 40 -1.94 7.28 36.24
N ALA A 41 -2.06 5.95 36.30
CA ALA A 41 -0.90 5.08 36.28
C ALA A 41 -0.29 4.94 34.89
N LYS A 42 -0.86 5.61 33.88
CA LYS A 42 -0.36 5.51 32.50
C LYS A 42 -0.40 4.07 32.01
N ILE A 43 -1.45 3.34 32.39
CA ILE A 43 -1.68 1.97 31.96
C ILE A 43 -2.68 2.03 30.81
N LYS A 44 -2.22 1.77 29.59
CA LYS A 44 -3.08 1.79 28.41
C LYS A 44 -3.88 0.50 28.34
N HIS A 45 -5.12 0.59 27.87
CA HIS A 45 -6.01 -0.56 27.83
C HIS A 45 -7.11 -0.37 26.78
N ALA A 46 -7.66 -1.49 26.34
CA ALA A 46 -8.92 -1.49 25.61
C ALA A 46 -10.07 -1.35 26.60
N THR A 47 -11.20 -0.82 26.09
CA THR A 47 -12.43 -0.73 26.86
C THR A 47 -13.60 -1.19 25.99
N ILE A 48 -14.47 -2.01 26.56
CA ILE A 48 -15.71 -2.40 25.89
C ILE A 48 -16.87 -1.98 26.79
N GLU A 49 -17.66 -1.02 26.31
CA GLU A 49 -18.83 -0.51 27.03
C GLU A 49 -20.02 -1.39 26.68
N LEU A 50 -20.38 -2.28 27.61
CA LEU A 50 -21.43 -3.25 27.33
C LEU A 50 -22.80 -2.62 27.12
N ASP A 51 -23.04 -1.42 27.64
CA ASP A 51 -24.30 -0.70 27.44
C ASP A 51 -24.42 -0.09 26.05
N GLN A 52 -23.51 -0.41 25.15
CA GLN A 52 -23.58 0.04 23.76
C GLN A 52 -23.56 -1.13 22.80
N LEU A 53 -23.88 -2.33 23.30
CA LEU A 53 -23.94 -3.53 22.47
C LEU A 53 -25.28 -4.20 22.71
N SER A 54 -25.99 -4.51 21.62
CA SER A 54 -27.28 -5.17 21.77
C SER A 54 -27.16 -6.38 22.68
N ASN A 55 -26.13 -7.20 22.48
CA ASN A 55 -25.90 -8.39 23.30
C ASN A 55 -25.05 -8.10 24.53
N GLY A 56 -24.97 -6.84 24.96
CA GLY A 56 -24.26 -6.53 26.19
C GLY A 56 -24.66 -7.40 27.36
N SER A 57 -25.97 -7.59 27.55
CA SER A 57 -26.42 -8.35 28.72
C SER A 57 -25.96 -9.79 28.64
N ALA A 58 -25.98 -10.38 27.44
CA ALA A 58 -25.45 -11.72 27.28
C ALA A 58 -23.96 -11.77 27.56
N ILE A 59 -23.23 -10.71 27.18
CA ILE A 59 -21.80 -10.68 27.42
C ILE A 59 -21.51 -10.69 28.92
N GLN A 60 -22.26 -9.90 29.69
CA GLN A 60 -22.12 -9.92 31.14
C GLN A 60 -22.25 -11.33 31.70
N LYS A 61 -23.24 -12.08 31.22
CA LYS A 61 -23.42 -13.44 31.73
C LYS A 61 -22.26 -14.35 31.34
N CYS A 62 -21.74 -14.20 30.11
CA CYS A 62 -20.62 -15.06 29.72
C CYS A 62 -19.37 -14.73 30.52
N LEU A 63 -19.20 -13.47 30.94
CA LEU A 63 -18.00 -13.10 31.69
C LEU A 63 -17.85 -13.94 32.95
N ALA A 64 -18.97 -14.32 33.58
CA ALA A 64 -18.91 -15.15 34.78
C ALA A 64 -18.13 -16.43 34.52
N SER A 65 -18.17 -16.94 33.29
CA SER A 65 -17.38 -18.12 32.95
C SER A 65 -15.89 -17.89 33.12
N PHE A 66 -15.45 -16.63 33.20
CA PHE A 66 -14.05 -16.32 33.44
C PHE A 66 -13.80 -15.78 34.83
N SER A 67 -14.68 -14.90 35.30
CA SER A 67 -14.45 -14.13 36.51
C SER A 67 -15.25 -14.63 37.72
N LYS A 68 -16.20 -15.52 37.50
CA LYS A 68 -17.22 -15.91 38.48
C LYS A 68 -18.14 -14.75 38.86
N ILE A 69 -18.08 -13.60 38.18
CA ILE A 69 -19.02 -12.52 38.46
C ILE A 69 -19.64 -12.02 37.15
N GLU A 70 -20.74 -11.28 37.30
CA GLU A 70 -21.53 -10.78 36.18
C GLU A 70 -21.59 -9.26 36.11
N THR A 71 -20.92 -8.57 37.01
CA THR A 71 -21.00 -7.12 37.11
C THR A 71 -19.87 -6.45 36.33
N VAL A 72 -19.98 -5.12 36.19
CA VAL A 72 -18.91 -4.30 35.65
C VAL A 72 -18.43 -3.39 36.77
N PRO A 73 -17.16 -2.99 36.80
CA PRO A 73 -16.14 -3.33 35.79
C PRO A 73 -15.45 -4.66 36.04
N GLN A 74 -14.93 -5.26 34.97
CA GLN A 74 -14.05 -6.43 35.09
C GLN A 74 -12.80 -6.15 34.27
N MET A 75 -11.63 -6.34 34.88
CA MET A 75 -10.36 -6.10 34.24
C MET A 75 -9.64 -7.41 33.99
N PHE A 76 -9.14 -7.60 32.77
CA PHE A 76 -8.43 -8.79 32.37
C PHE A 76 -7.05 -8.41 31.87
N VAL A 77 -6.07 -9.27 32.13
CA VAL A 77 -4.73 -9.11 31.60
C VAL A 77 -4.31 -10.44 31.01
N ARG A 78 -4.05 -10.44 29.71
CA ARG A 78 -3.49 -11.59 29.01
C ARG A 78 -4.22 -12.88 29.39
N GLY A 79 -5.56 -12.81 29.34
CA GLY A 79 -6.40 -13.98 29.41
C GLY A 79 -6.90 -14.31 30.79
N LYS A 80 -6.52 -13.53 31.79
CA LYS A 80 -6.82 -13.82 33.18
C LYS A 80 -7.60 -12.67 33.78
N PHE A 81 -8.70 -12.98 34.45
CA PHE A 81 -9.43 -11.97 35.20
C PHE A 81 -8.56 -11.46 36.34
N ILE A 82 -8.43 -10.14 36.43
CA ILE A 82 -7.56 -9.50 37.39
C ILE A 82 -8.34 -8.95 38.58
N GLY A 83 -9.52 -8.40 38.34
CA GLY A 83 -10.33 -7.95 39.45
C GLY A 83 -11.49 -7.07 39.01
N ASP A 84 -12.40 -6.86 39.98
CA ASP A 84 -13.42 -5.82 39.90
C ASP A 84 -12.81 -4.49 40.38
N SER A 85 -13.65 -3.50 40.66
CA SER A 85 -13.10 -2.21 41.10
C SER A 85 -12.30 -2.36 42.40
N GLN A 86 -12.84 -3.06 43.39
CA GLN A 86 -12.13 -3.09 44.66
C GLN A 86 -10.77 -3.77 44.52
N THR A 87 -10.69 -4.84 43.72
CA THR A 87 -9.43 -5.56 43.58
C THR A 87 -8.40 -4.73 42.84
N VAL A 88 -8.82 -4.03 41.79
CA VAL A 88 -7.89 -3.18 41.05
C VAL A 88 -7.31 -2.10 41.97
N LEU A 89 -8.15 -1.47 42.78
CA LEU A 89 -7.64 -0.43 43.70
C LEU A 89 -6.79 -1.02 44.82
N LYS A 90 -7.10 -2.23 45.27
CA LYS A 90 -6.19 -2.93 46.16
C LYS A 90 -4.79 -3.02 45.55
N TYR A 91 -4.71 -3.54 44.32
CA TYR A 91 -3.43 -3.66 43.64
C TYR A 91 -2.76 -2.30 43.52
N TYR A 92 -3.53 -1.26 43.21
CA TYR A 92 -2.95 0.06 43.05
C TYR A 92 -2.37 0.56 44.36
N SER A 93 -3.15 0.51 45.44
CA SER A 93 -2.71 1.14 46.68
C SER A 93 -1.54 0.39 47.28
N ASN A 94 -1.38 -0.88 46.94
CA ASN A 94 -0.26 -1.69 47.40
C ASN A 94 0.90 -1.68 46.40
N ASP A 95 0.85 -0.80 45.40
CA ASP A 95 1.88 -0.73 44.36
C ASP A 95 2.16 -2.12 43.79
N GLU A 96 1.10 -2.89 43.60
CA GLU A 96 1.18 -4.18 42.92
C GLU A 96 0.66 -4.12 41.49
N LEU A 97 -0.02 -3.03 41.11
CA LEU A 97 -0.71 -2.99 39.81
C LEU A 97 0.27 -3.01 38.64
N ALA A 98 1.35 -2.22 38.72
CA ALA A 98 2.31 -2.19 37.61
C ALA A 98 2.84 -3.57 37.30
N GLY A 99 3.20 -4.34 38.33
CA GLY A 99 3.70 -5.68 38.09
C GLY A 99 2.64 -6.61 37.54
N ILE A 100 1.38 -6.42 37.96
CA ILE A 100 0.28 -7.25 37.47
C ILE A 100 0.11 -7.06 35.96
N VAL A 101 -0.06 -5.80 35.54
CA VAL A 101 -0.33 -5.52 34.14
C VAL A 101 0.87 -5.79 33.25
N ASN A 102 2.08 -5.91 33.82
CA ASN A 102 3.27 -6.21 33.04
C ASN A 102 3.64 -7.69 32.99
N GLU A 103 2.91 -8.55 33.69
CA GLU A 103 3.27 -9.96 33.76
C GLU A 103 2.84 -10.70 32.49
N SER A 104 3.77 -11.45 31.89
CA SER A 104 3.50 -12.15 30.64
C SER A 104 4.49 -13.30 30.49
N LYS A 105 4.04 -14.35 29.81
CA LYS A 105 4.92 -15.43 29.38
C LYS A 105 5.94 -14.97 28.35
N TYR A 106 5.65 -13.88 27.65
CA TYR A 106 6.42 -13.45 26.51
C TYR A 106 6.98 -12.05 26.73
N ASP A 107 8.03 -11.73 25.98
CA ASP A 107 8.62 -10.40 26.09
C ASP A 107 7.62 -9.35 25.62
N TYR A 108 6.88 -9.64 24.55
CA TYR A 108 5.94 -8.72 23.92
C TYR A 108 4.60 -9.40 23.68
N ASP A 109 3.54 -8.61 23.78
CA ASP A 109 2.23 -9.04 23.29
C ASP A 109 2.19 -9.17 21.77
N LEU A 110 2.93 -8.32 21.08
CA LEU A 110 2.95 -8.30 19.63
C LEU A 110 4.36 -8.04 19.14
N ILE A 111 4.84 -8.86 18.21
CA ILE A 111 6.06 -8.56 17.47
C ILE A 111 5.63 -8.42 16.02
N VAL A 112 5.92 -7.26 15.44
CA VAL A 112 5.74 -7.00 14.01
C VAL A 112 7.07 -7.20 13.32
N ILE A 113 7.13 -8.12 12.36
CA ILE A 113 8.31 -8.31 11.55
C ILE A 113 8.05 -7.55 10.26
N GLY A 114 8.65 -6.36 10.15
CA GLY A 114 8.55 -5.49 9.01
C GLY A 114 7.98 -4.14 9.38
N GLY A 115 8.77 -3.08 9.20
CA GLY A 115 8.38 -1.72 9.57
C GLY A 115 7.95 -0.88 8.38
N GLY A 116 6.97 -1.38 7.62
CA GLY A 116 6.42 -0.69 6.48
C GLY A 116 4.98 -0.22 6.72
N SER A 117 4.28 0.05 5.61
CA SER A 117 2.94 0.59 5.69
C SER A 117 2.06 -0.19 6.68
N GLY A 118 1.93 -1.49 6.45
CA GLY A 118 1.07 -2.31 7.30
C GLY A 118 1.62 -2.50 8.70
N GLY A 119 2.90 -2.85 8.79
CA GLY A 119 3.46 -3.18 10.09
C GLY A 119 3.46 -2.02 11.06
N LEU A 120 3.83 -0.82 10.60
CA LEU A 120 3.79 0.33 11.50
C LEU A 120 2.37 0.66 11.90
N ALA A 121 1.42 0.57 10.96
CA ALA A 121 0.05 0.85 11.30
C ALA A 121 -0.47 -0.13 12.33
N ALA A 122 -0.17 -1.42 12.14
CA ALA A 122 -0.60 -2.42 13.12
C ALA A 122 0.06 -2.19 14.47
N GLY A 123 1.36 -1.90 14.50
CA GLY A 123 2.04 -1.78 15.78
C GLY A 123 1.54 -0.59 16.57
N LYS A 124 1.41 0.56 15.90
CA LYS A 124 0.88 1.76 16.54
C LYS A 124 -0.51 1.53 17.10
N GLU A 125 -1.39 0.88 16.32
CA GLU A 125 -2.75 0.68 16.79
C GLU A 125 -2.78 -0.29 17.97
N ALA A 126 -1.98 -1.35 17.90
CA ALA A 126 -1.94 -2.31 19.01
C ALA A 126 -1.52 -1.63 20.31
N ALA A 127 -0.47 -0.81 20.23
CA ALA A 127 0.07 -0.17 21.44
C ALA A 127 -1.01 0.65 22.14
N LYS A 128 -1.91 1.24 21.35
CA LYS A 128 -2.99 2.05 21.89
C LYS A 128 -3.80 1.29 22.93
N TYR A 129 -3.92 -0.02 22.78
CA TYR A 129 -4.73 -0.83 23.70
C TYR A 129 -3.90 -1.58 24.72
N GLY A 130 -2.66 -1.16 24.97
CA GLY A 130 -1.88 -1.77 26.02
C GLY A 130 -1.04 -2.94 25.58
N ALA A 131 -1.09 -3.32 24.30
CA ALA A 131 -0.23 -4.40 23.83
C ALA A 131 1.21 -3.92 23.86
N LYS A 132 2.05 -4.65 24.56
CA LYS A 132 3.47 -4.36 24.57
C LYS A 132 4.03 -4.83 23.24
N THR A 133 4.50 -3.88 22.44
CA THR A 133 4.76 -4.11 21.03
C THR A 133 6.20 -3.81 20.67
N ALA A 134 6.73 -4.63 19.78
CA ALA A 134 8.03 -4.40 19.16
C ALA A 134 7.84 -4.41 17.66
N VAL A 135 8.46 -3.46 16.98
CA VAL A 135 8.48 -3.43 15.52
C VAL A 135 9.92 -3.64 15.10
N LEU A 136 10.14 -4.66 14.28
CA LEU A 136 11.45 -4.97 13.71
C LEU A 136 11.48 -4.50 12.25
N ASP A 137 12.52 -3.79 11.87
CA ASP A 137 12.67 -3.44 10.46
C ASP A 137 14.15 -3.50 10.10
N TYR A 138 14.42 -4.02 8.92
CA TYR A 138 15.77 -4.10 8.37
C TYR A 138 15.63 -3.97 6.86
N VAL A 139 16.53 -3.24 6.23
CA VAL A 139 16.45 -3.00 4.80
C VAL A 139 17.69 -3.63 4.19
N GLU A 140 17.51 -4.81 3.60
CA GLU A 140 18.60 -5.48 2.91
C GLU A 140 19.05 -4.59 1.76
N PRO A 141 20.33 -4.27 1.66
CA PRO A 141 20.80 -3.37 0.60
C PRO A 141 20.59 -3.96 -0.79
N THR A 142 20.39 -3.07 -1.77
CA THR A 142 20.31 -3.49 -3.15
C THR A 142 21.70 -3.91 -3.61
N PRO A 143 21.81 -4.48 -4.81
CA PRO A 143 23.13 -4.95 -5.26
C PRO A 143 24.18 -3.87 -5.33
N ILE A 144 23.81 -2.63 -5.64
CA ILE A 144 24.79 -1.54 -5.64
C ILE A 144 24.97 -0.92 -4.27
N GLY A 145 24.22 -1.39 -3.25
CA GLY A 145 24.42 -0.89 -1.90
C GLY A 145 23.42 0.10 -1.37
N THR A 146 22.36 0.40 -2.12
CA THR A 146 21.35 1.35 -1.66
C THR A 146 20.59 0.80 -0.45
N THR A 147 20.37 1.66 0.54
CA THR A 147 19.57 1.33 1.71
C THR A 147 18.80 2.58 2.09
N TRP A 148 17.90 2.46 3.05
CA TRP A 148 17.04 3.57 3.44
C TRP A 148 16.51 3.27 4.85
N GLY A 149 15.71 4.20 5.38
CA GLY A 149 15.28 4.14 6.75
C GLY A 149 13.88 3.57 6.95
N LEU A 150 13.37 3.79 8.15
CA LEU A 150 12.14 3.14 8.59
C LEU A 150 10.95 3.65 7.79
N GLY A 151 10.01 2.75 7.49
CA GLY A 151 8.78 3.17 6.84
C GLY A 151 8.30 2.31 5.68
N GLY A 152 9.15 1.43 5.16
CA GLY A 152 8.75 0.51 4.12
C GLY A 152 8.90 1.03 2.70
N THR A 153 8.32 0.25 1.77
CA THR A 153 8.49 0.51 0.34
C THR A 153 7.84 1.82 -0.09
N CYS A 154 6.58 2.00 0.26
CA CYS A 154 5.85 3.19 -0.15
C CYS A 154 6.60 4.48 0.23
N VAL A 155 6.91 4.59 1.52
CA VAL A 155 7.57 5.75 2.04
C VAL A 155 8.94 6.06 1.43
N ASN A 156 9.79 5.06 1.32
CA ASN A 156 11.15 5.22 0.84
C ASN A 156 11.44 5.04 -0.62
N VAL A 157 10.87 4.03 -1.23
CA VAL A 157 11.16 3.72 -2.60
C VAL A 157 9.92 3.31 -3.41
N GLY A 158 8.78 3.93 -3.14
CA GLY A 158 7.54 3.57 -3.76
C GLY A 158 6.62 4.79 -3.91
N CYS A 159 5.36 4.64 -3.52
CA CYS A 159 4.36 5.68 -3.66
C CYS A 159 4.76 7.12 -3.35
N ILE A 160 5.55 7.34 -2.30
CA ILE A 160 5.88 8.72 -1.92
C ILE A 160 6.86 9.35 -2.92
N PRO A 161 8.09 8.85 -3.06
CA PRO A 161 8.99 9.51 -4.01
C PRO A 161 8.49 9.43 -5.43
N LYS A 162 7.85 8.30 -5.79
CA LYS A 162 7.31 8.18 -7.15
C LYS A 162 6.32 9.29 -7.45
N LYS A 163 5.41 9.57 -6.51
CA LYS A 163 4.45 10.64 -6.79
C LYS A 163 5.11 12.02 -6.73
N LEU A 164 6.11 12.21 -5.89
CA LEU A 164 6.83 13.47 -5.91
C LEU A 164 7.54 13.69 -7.23
N MET A 165 8.17 12.64 -7.80
CA MET A 165 8.85 12.82 -9.08
C MET A 165 7.84 12.95 -10.20
N HIS A 166 6.68 12.31 -10.06
CA HIS A 166 5.56 12.57 -10.97
C HIS A 166 5.16 14.04 -10.95
N GLN A 167 5.04 14.60 -9.76
CA GLN A 167 4.72 16.02 -9.66
C GLN A 167 5.78 16.86 -10.36
N ALA A 168 7.05 16.49 -10.19
CA ALA A 168 8.11 17.24 -10.86
C ALA A 168 7.92 17.18 -12.36
N GLY A 169 7.51 16.02 -12.84
CA GLY A 169 7.19 15.88 -14.25
C GLY A 169 5.97 16.70 -14.66
N LEU A 170 4.92 16.68 -13.85
CA LEU A 170 3.72 17.44 -14.19
C LEU A 170 4.05 18.92 -14.30
N LEU A 171 4.97 19.39 -13.47
CA LEU A 171 5.33 20.79 -13.49
C LEU A 171 5.97 21.19 -14.80
N SER A 172 6.57 20.24 -15.54
CA SER A 172 7.05 20.54 -16.88
C SER A 172 5.92 21.06 -17.74
N HIS A 173 4.75 20.42 -17.64
CA HIS A 173 3.67 20.82 -18.52
C HIS A 173 2.98 22.05 -17.98
N ALA A 174 3.05 22.25 -16.67
CA ALA A 174 2.57 23.48 -16.08
C ALA A 174 3.39 24.67 -16.57
N LEU A 175 4.71 24.52 -16.68
CA LEU A 175 5.55 25.58 -17.23
C LEU A 175 5.19 25.91 -18.66
N GLU A 176 4.93 24.87 -19.47
CA GLU A 176 4.49 25.08 -20.85
C GLU A 176 3.14 25.79 -20.88
N ASP A 177 2.18 25.30 -20.11
CA ASP A 177 0.85 25.89 -20.07
C ASP A 177 0.90 27.36 -19.63
N ALA A 178 1.78 27.67 -18.69
CA ALA A 178 1.85 29.01 -18.13
C ALA A 178 1.98 30.07 -19.20
N GLU A 179 2.76 29.79 -20.26
CA GLU A 179 2.91 30.77 -21.33
C GLU A 179 1.57 31.11 -21.96
N HIS A 180 0.75 30.09 -22.22
CA HIS A 180 -0.53 30.33 -22.86
C HIS A 180 -1.50 31.08 -21.95
N PHE A 181 -1.36 30.94 -20.63
CA PHE A 181 -2.18 31.66 -19.68
C PHE A 181 -1.61 33.04 -19.35
N GLY A 182 -0.54 33.46 -20.04
CA GLY A 182 -0.08 34.84 -20.00
C GLY A 182 1.23 35.07 -19.27
N TRP A 183 1.84 34.04 -18.69
CA TRP A 183 3.08 34.23 -17.96
C TRP A 183 4.25 34.36 -18.93
N SER A 184 5.24 35.18 -18.55
CA SER A 184 6.29 35.61 -19.48
C SER A 184 7.42 34.60 -19.63
N LEU A 185 7.26 33.42 -19.06
CA LEU A 185 8.20 32.32 -19.15
C LEU A 185 8.49 31.92 -20.59
N ASP A 186 9.74 31.49 -20.84
CA ASP A 186 10.10 30.75 -22.06
C ASP A 186 10.48 29.31 -21.68
N ARG A 187 9.53 28.38 -21.79
CA ARG A 187 9.75 27.00 -21.38
C ARG A 187 11.00 26.41 -22.01
N SER A 188 11.33 26.81 -23.25
CA SER A 188 12.44 26.21 -23.98
C SER A 188 13.80 26.55 -23.38
N LYS A 189 13.88 27.58 -22.54
CA LYS A 189 15.13 27.95 -21.89
C LYS A 189 15.26 27.41 -20.47
N ILE A 190 14.35 26.55 -20.05
CA ILE A 190 14.35 26.03 -18.68
C ILE A 190 14.74 24.56 -18.72
N SER A 191 15.60 24.18 -17.78
CA SER A 191 16.09 22.81 -17.69
C SER A 191 15.81 22.29 -16.29
N HIS A 192 15.91 20.98 -16.14
CA HIS A 192 15.69 20.36 -14.85
C HIS A 192 16.98 19.82 -14.27
N ASN A 193 17.14 19.91 -12.95
CA ASN A 193 18.30 19.40 -12.26
C ASN A 193 17.87 18.20 -11.42
N TRP A 194 18.27 16.99 -11.86
CA TRP A 194 17.90 15.77 -11.16
C TRP A 194 18.28 15.82 -9.68
N SER A 195 19.52 16.19 -9.41
CA SER A 195 20.02 16.03 -8.05
C SER A 195 19.36 17.00 -7.10
N THR A 196 18.97 18.19 -7.58
CA THR A 196 18.21 19.11 -6.73
C THR A 196 16.87 18.49 -6.34
N MET A 197 16.20 17.87 -7.29
CA MET A 197 14.94 17.20 -7.01
C MET A 197 15.14 16.06 -6.02
N VAL A 198 16.13 15.20 -6.27
CA VAL A 198 16.36 14.05 -5.39
C VAL A 198 16.64 14.52 -3.96
N GLU A 199 17.41 15.59 -3.82
CA GLU A 199 17.69 16.11 -2.47
C GLU A 199 16.42 16.56 -1.78
N GLY A 200 15.54 17.25 -2.50
CA GLY A 200 14.25 17.63 -1.89
C GLY A 200 13.42 16.41 -1.51
N VAL A 201 13.33 15.43 -2.41
CA VAL A 201 12.57 14.21 -2.15
C VAL A 201 13.15 13.47 -0.94
N GLN A 202 14.48 13.35 -0.90
CA GLN A 202 15.10 12.61 0.18
C GLN A 202 14.98 13.34 1.52
N SER A 203 14.96 14.67 1.50
CA SER A 203 14.75 15.40 2.76
C SER A 203 13.35 15.15 3.29
N HIS A 204 12.34 15.06 2.42
CA HIS A 204 11.01 14.70 2.87
C HIS A 204 10.98 13.27 3.41
N ILE A 205 11.56 12.32 2.66
CA ILE A 205 11.59 10.94 3.16
C ILE A 205 12.28 10.89 4.51
N GLY A 206 13.38 11.62 4.65
CA GLY A 206 14.05 11.64 5.94
C GLY A 206 13.14 12.13 7.05
N SER A 207 12.30 13.13 6.75
CA SER A 207 11.37 13.59 7.78
C SER A 207 10.36 12.52 8.13
N LEU A 208 10.00 11.65 7.19
CA LEU A 208 9.10 10.54 7.50
C LEU A 208 9.82 9.44 8.28
N ASN A 209 11.03 9.07 7.89
CA ASN A 209 11.79 8.09 8.68
C ASN A 209 11.84 8.54 10.13
N TRP A 210 12.18 9.80 10.35
CA TRP A 210 12.34 10.29 11.71
C TRP A 210 11.00 10.39 12.42
N GLY A 211 9.97 10.82 11.69
CA GLY A 211 8.63 10.90 12.25
C GLY A 211 8.12 9.56 12.76
N TYR A 212 8.40 8.49 12.03
CA TYR A 212 7.99 7.16 12.50
C TYR A 212 8.74 6.77 13.77
N LYS A 213 10.04 7.03 13.82
CA LYS A 213 10.79 6.67 15.01
C LYS A 213 10.26 7.41 16.23
N VAL A 214 9.91 8.68 16.06
CA VAL A 214 9.35 9.47 17.15
C VAL A 214 7.97 8.97 17.52
N ALA A 215 7.14 8.68 16.52
CA ALA A 215 5.80 8.16 16.78
C ALA A 215 5.87 6.89 17.61
N LEU A 216 6.74 5.96 17.23
CA LEU A 216 6.87 4.71 17.97
C LEU A 216 7.36 4.97 19.40
N ARG A 217 8.38 5.82 19.55
CA ARG A 217 8.86 6.15 20.89
C ARG A 217 7.73 6.73 21.73
N ASP A 218 6.97 7.66 21.17
CA ASP A 218 5.89 8.34 21.90
C ASP A 218 4.73 7.41 22.26
N ASN A 219 4.56 6.28 21.56
CA ASN A 219 3.55 5.29 21.91
C ASN A 219 4.13 4.08 22.64
N GLN A 220 5.35 4.19 23.16
CA GLN A 220 5.96 3.12 23.95
C GLN A 220 6.16 1.83 23.16
N VAL A 221 6.34 1.95 21.84
CA VAL A 221 6.65 0.82 20.97
C VAL A 221 8.16 0.71 20.84
N THR A 222 8.67 -0.49 20.97
CA THR A 222 10.09 -0.75 20.82
C THR A 222 10.40 -0.95 19.34
N TYR A 223 11.26 -0.10 18.81
CA TYR A 223 11.75 -0.22 17.44
C TYR A 223 13.13 -0.86 17.46
N LEU A 224 13.26 -2.00 16.80
CA LEU A 224 14.55 -2.69 16.64
C LEU A 224 14.92 -2.70 15.16
N ASN A 225 16.01 -2.04 14.82
CA ASN A 225 16.57 -2.09 13.47
C ASN A 225 17.39 -3.37 13.35
N ALA A 226 16.70 -4.47 13.13
CA ALA A 226 17.31 -5.78 13.09
C ALA A 226 16.48 -6.67 12.19
N LYS A 227 17.11 -7.68 11.62
CA LYS A 227 16.38 -8.65 10.82
C LYS A 227 15.77 -9.70 11.74
N GLY A 228 14.48 -9.94 11.60
CA GLY A 228 13.79 -10.95 12.38
C GLY A 228 13.57 -12.20 11.57
N ARG A 229 13.79 -13.36 12.21
CA ARG A 229 13.42 -14.64 11.64
C ARG A 229 12.54 -15.35 12.64
N LEU A 230 11.34 -15.72 12.22
CA LEU A 230 10.44 -16.45 13.09
C LEU A 230 10.93 -17.90 13.11
N ILE A 231 11.48 -18.34 14.24
CA ILE A 231 12.04 -19.69 14.35
C ILE A 231 11.11 -20.69 15.05
N SER A 232 10.12 -20.23 15.80
CA SER A 232 9.00 -21.03 16.26
C SER A 232 7.82 -20.08 16.42
N PRO A 233 6.63 -20.60 16.75
CA PRO A 233 5.44 -19.70 16.77
C PRO A 233 5.60 -18.43 17.59
N HIS A 234 6.33 -18.48 18.70
CA HIS A 234 6.45 -17.32 19.59
C HIS A 234 7.87 -16.77 19.72
N GLU A 235 8.83 -17.32 19.00
CA GLU A 235 10.23 -16.90 19.14
C GLU A 235 10.69 -16.26 17.84
N VAL A 236 11.20 -15.05 17.95
CA VAL A 236 11.81 -14.35 16.82
C VAL A 236 13.28 -14.19 17.12
N GLN A 237 14.11 -14.74 16.24
CA GLN A 237 15.54 -14.55 16.29
C GLN A 237 15.90 -13.27 15.54
N ILE A 238 16.64 -12.39 16.19
CA ILE A 238 16.97 -11.09 15.64
C ILE A 238 18.48 -10.98 15.47
N THR A 239 18.90 -10.45 14.33
CA THR A 239 20.30 -10.16 14.06
C THR A 239 20.44 -8.65 13.90
N ASP A 240 21.20 -8.02 14.79
CA ASP A 240 21.34 -6.58 14.74
C ASP A 240 22.39 -6.21 13.70
N LYS A 241 22.65 -4.91 13.55
CA LYS A 241 23.61 -4.50 12.54
C LYS A 241 25.05 -4.74 12.98
N ASN A 242 25.27 -5.19 14.21
CA ASN A 242 26.57 -5.68 14.65
C ASN A 242 26.73 -7.18 14.48
N GLN A 243 25.76 -7.84 13.84
CA GLN A 243 25.74 -9.29 13.66
C GLN A 243 25.53 -10.04 14.96
N LYS A 244 25.12 -9.37 16.02
CA LYS A 244 24.79 -10.03 17.26
C LYS A 244 23.40 -10.67 17.16
N VAL A 245 23.32 -11.95 17.53
CA VAL A 245 22.10 -12.74 17.41
C VAL A 245 21.50 -12.93 18.80
N SER A 246 20.18 -12.81 18.88
CA SER A 246 19.47 -13.05 20.13
C SER A 246 18.04 -13.45 19.81
N THR A 247 17.27 -13.77 20.85
CA THR A 247 15.91 -14.24 20.68
C THR A 247 14.99 -13.43 21.56
N ILE A 248 13.87 -13.01 20.97
CA ILE A 248 12.81 -12.37 21.73
C ILE A 248 11.55 -13.17 21.48
N THR A 249 10.62 -13.08 22.43
CA THR A 249 9.39 -13.85 22.32
C THR A 249 8.18 -12.92 22.29
N GLY A 250 7.15 -13.37 21.59
CA GLY A 250 5.94 -12.57 21.42
C GLY A 250 4.73 -13.46 21.42
N ASN A 251 3.62 -12.94 21.94
CA ASN A 251 2.37 -13.70 21.92
C ASN A 251 1.82 -13.79 20.50
N LYS A 252 1.46 -12.64 19.92
CA LYS A 252 1.01 -12.53 18.53
C LYS A 252 2.17 -12.05 17.69
N ILE A 253 2.24 -12.56 16.47
CA ILE A 253 3.28 -12.19 15.52
C ILE A 253 2.57 -11.68 14.28
N ILE A 254 2.95 -10.50 13.80
CA ILE A 254 2.47 -10.04 12.50
C ILE A 254 3.63 -10.02 11.51
N LEU A 255 3.48 -10.79 10.43
CA LEU A 255 4.42 -10.76 9.32
C LEU A 255 3.99 -9.66 8.36
N ALA A 256 4.87 -8.69 8.14
CA ALA A 256 4.57 -7.53 7.31
C ALA A 256 5.82 -7.12 6.53
N THR A 257 6.53 -8.10 5.96
CA THR A 257 7.85 -7.91 5.39
C THR A 257 7.85 -7.46 3.92
N GLY A 258 6.71 -7.42 3.26
CA GLY A 258 6.71 -6.82 1.93
C GLY A 258 7.48 -7.61 0.89
N GLU A 259 7.75 -6.94 -0.25
CA GLU A 259 8.39 -7.54 -1.41
C GLU A 259 9.59 -6.70 -1.86
N ARG A 260 10.37 -7.23 -2.79
CA ARG A 260 11.46 -6.51 -3.43
C ARG A 260 11.43 -6.75 -4.92
N PRO A 261 12.05 -5.87 -5.71
CA PRO A 261 12.05 -6.06 -7.17
C PRO A 261 12.73 -7.34 -7.60
N LYS A 262 12.17 -7.93 -8.66
CA LYS A 262 12.78 -9.03 -9.36
C LYS A 262 13.81 -8.56 -10.38
N TYR A 263 14.83 -9.39 -10.60
CA TYR A 263 15.76 -9.24 -11.72
C TYR A 263 15.59 -10.39 -12.68
N PRO A 264 15.70 -10.16 -13.98
CA PRO A 264 15.74 -11.29 -14.91
C PRO A 264 17.12 -11.94 -14.86
N GLU A 265 17.14 -13.23 -15.20
CA GLU A 265 18.36 -14.02 -15.19
C GLU A 265 19.00 -13.90 -16.56
N ILE A 266 19.63 -12.75 -16.79
CA ILE A 266 20.42 -12.51 -18.00
C ILE A 266 21.74 -11.91 -17.56
N PRO A 267 22.82 -12.12 -18.33
CA PRO A 267 24.11 -11.54 -17.97
C PRO A 267 24.02 -10.03 -17.88
N GLY A 268 24.63 -9.49 -16.82
CA GLY A 268 24.73 -8.06 -16.65
C GLY A 268 23.60 -7.42 -15.89
N ALA A 269 22.48 -8.11 -15.68
CA ALA A 269 21.30 -7.45 -15.11
C ALA A 269 21.57 -6.94 -13.71
N VAL A 270 22.02 -7.83 -12.81
CA VAL A 270 22.26 -7.45 -11.42
C VAL A 270 23.44 -6.50 -11.33
N GLU A 271 24.46 -6.72 -12.15
CA GLU A 271 25.70 -5.95 -12.03
C GLU A 271 25.50 -4.53 -12.51
N TYR A 272 24.82 -4.32 -13.65
CA TYR A 272 24.80 -3.03 -14.31
C TYR A 272 23.42 -2.36 -14.38
N GLY A 273 22.34 -3.08 -14.15
CA GLY A 273 21.05 -2.43 -14.12
C GLY A 273 20.70 -1.95 -12.74
N ILE A 274 19.60 -1.19 -12.64
CA ILE A 274 19.06 -0.80 -11.35
C ILE A 274 17.57 -1.14 -11.33
N THR A 275 16.97 -0.98 -10.15
CA THR A 275 15.52 -1.03 -10.00
C THR A 275 14.98 0.25 -9.35
N SER A 276 13.65 0.24 -9.14
CA SER A 276 13.02 1.35 -8.44
C SER A 276 13.62 1.55 -7.05
N ASP A 277 14.15 0.49 -6.44
CA ASP A 277 14.79 0.61 -5.13
C ASP A 277 15.94 1.62 -5.18
N ASP A 278 16.64 1.68 -6.29
CA ASP A 278 17.79 2.55 -6.44
C ASP A 278 17.40 3.90 -7.02
N LEU A 279 16.38 3.95 -7.87
CA LEU A 279 16.08 5.15 -8.65
C LEU A 279 15.83 6.36 -7.76
N PHE A 280 15.10 6.17 -6.67
CA PHE A 280 14.54 7.30 -5.98
C PHE A 280 15.57 8.03 -5.14
N SER A 281 16.76 7.46 -4.93
CA SER A 281 17.85 8.17 -4.30
C SER A 281 19.08 8.25 -5.20
N LEU A 282 18.91 8.03 -6.50
CA LEU A 282 20.05 7.87 -7.39
C LEU A 282 20.92 9.12 -7.34
N PRO A 283 22.21 8.99 -7.02
CA PRO A 283 23.03 10.20 -6.80
C PRO A 283 23.46 10.87 -8.10
N TYR A 284 23.21 10.23 -9.23
CA TYR A 284 23.53 10.76 -10.54
C TYR A 284 22.28 10.78 -11.40
N PHE A 285 22.22 11.72 -12.33
CA PHE A 285 21.08 11.73 -13.24
C PHE A 285 21.12 10.48 -14.13
N PRO A 286 19.98 9.81 -14.33
CA PRO A 286 19.99 8.56 -15.12
C PRO A 286 20.38 8.77 -16.57
N GLY A 287 20.07 9.93 -17.14
CA GLY A 287 20.37 10.17 -18.54
C GLY A 287 19.50 9.32 -19.45
N LYS A 288 20.03 9.00 -20.63
CA LYS A 288 19.29 8.17 -21.57
C LYS A 288 19.00 6.82 -20.93
N THR A 289 17.72 6.50 -20.80
CA THR A 289 17.25 5.42 -19.95
C THR A 289 16.40 4.42 -20.73
N LEU A 290 16.60 3.15 -20.39
CA LEU A 290 15.78 2.05 -20.85
C LEU A 290 15.11 1.48 -19.61
N VAL A 291 13.79 1.44 -19.64
CA VAL A 291 12.99 0.74 -18.64
C VAL A 291 12.56 -0.58 -19.26
N ILE A 292 12.94 -1.68 -18.64
CA ILE A 292 12.52 -3.01 -19.08
C ILE A 292 11.35 -3.42 -18.19
N GLY A 293 10.20 -3.63 -18.81
CA GLY A 293 9.02 -3.94 -18.03
C GLY A 293 7.82 -3.16 -18.51
N ALA A 294 6.65 -3.52 -18.03
CA ALA A 294 5.42 -2.91 -18.51
C ALA A 294 4.38 -2.81 -17.39
N SER A 295 4.81 -2.95 -16.14
CA SER A 295 3.99 -2.75 -14.96
C SER A 295 3.70 -1.27 -14.72
N TYR A 296 2.85 -1.01 -13.72
CA TYR A 296 2.59 0.38 -13.39
C TYR A 296 3.87 1.06 -12.90
N VAL A 297 4.76 0.33 -12.24
CA VAL A 297 6.04 0.90 -11.83
C VAL A 297 6.84 1.31 -13.06
N ALA A 298 6.95 0.42 -14.03
CA ALA A 298 7.72 0.71 -15.23
C ALA A 298 7.19 1.97 -15.92
N LEU A 299 5.87 2.06 -16.11
CA LEU A 299 5.31 3.16 -16.88
C LEU A 299 5.33 4.48 -16.09
N GLU A 300 5.10 4.41 -14.78
CA GLU A 300 5.20 5.61 -13.94
C GLU A 300 6.61 6.19 -13.99
N CYS A 301 7.61 5.32 -13.85
CA CYS A 301 9.00 5.77 -13.86
C CYS A 301 9.41 6.28 -15.24
N ALA A 302 9.10 5.53 -16.30
CA ALA A 302 9.38 6.03 -17.64
C ALA A 302 8.74 7.38 -17.85
N GLY A 303 7.49 7.51 -17.41
CA GLY A 303 6.76 8.72 -17.64
C GLY A 303 7.40 9.95 -17.03
N PHE A 304 7.73 9.90 -15.74
CA PHE A 304 8.30 11.13 -15.19
C PHE A 304 9.70 11.40 -15.72
N LEU A 305 10.48 10.35 -16.02
CA LEU A 305 11.83 10.60 -16.53
C LEU A 305 11.73 11.32 -17.85
N ALA A 306 10.71 10.99 -18.65
CA ALA A 306 10.59 11.65 -19.94
C ALA A 306 10.11 13.09 -19.77
N SER A 307 9.17 13.32 -18.88
CA SER A 307 8.71 14.69 -18.64
C SER A 307 9.82 15.57 -18.07
N LEU A 308 10.77 14.98 -17.35
CA LEU A 308 11.88 15.76 -16.86
C LEU A 308 12.85 16.10 -17.98
N GLY A 309 12.58 15.66 -19.20
CA GLY A 309 13.43 15.95 -20.33
C GLY A 309 14.32 14.82 -20.77
N GLY A 310 14.15 13.63 -20.23
CA GLY A 310 15.05 12.55 -20.52
C GLY A 310 14.69 11.81 -21.79
N ASP A 311 15.67 11.10 -22.32
CA ASP A 311 15.51 10.24 -23.49
C ASP A 311 15.17 8.85 -22.96
N VAL A 312 13.91 8.45 -23.09
CA VAL A 312 13.40 7.27 -22.38
C VAL A 312 12.78 6.29 -23.37
N THR A 313 13.09 5.01 -23.17
CA THR A 313 12.56 3.91 -23.95
C THR A 313 12.03 2.86 -22.97
N VAL A 314 10.89 2.27 -23.31
CA VAL A 314 10.28 1.20 -22.52
C VAL A 314 10.29 -0.05 -23.38
N MET A 315 10.84 -1.14 -22.84
CA MET A 315 10.93 -2.41 -23.57
C MET A 315 9.82 -3.33 -23.05
N VAL A 316 8.90 -3.70 -23.94
CA VAL A 316 7.67 -4.40 -23.59
C VAL A 316 7.68 -5.80 -24.20
N ARG A 317 7.58 -6.81 -23.33
CA ARG A 317 7.61 -8.19 -23.81
C ARG A 317 6.34 -8.52 -24.58
N SER A 318 5.19 -8.20 -24.00
CA SER A 318 3.90 -8.48 -24.62
C SER A 318 2.85 -7.39 -24.54
N ILE A 319 2.29 -7.13 -23.37
CA ILE A 319 1.28 -6.09 -23.22
C ILE A 319 1.66 -5.17 -22.05
N LEU A 320 0.99 -4.02 -22.00
CA LEU A 320 1.10 -3.09 -20.90
C LEU A 320 0.09 -3.42 -19.81
N LEU A 321 0.51 -3.25 -18.55
CA LEU A 321 -0.42 -3.28 -17.41
C LEU A 321 -1.30 -4.52 -17.43
N ARG A 322 -0.68 -5.70 -17.59
CA ARG A 322 -1.43 -6.94 -17.49
C ARG A 322 -2.18 -6.98 -16.17
N GLY A 323 -3.45 -7.40 -16.23
CA GLY A 323 -4.34 -7.38 -15.09
C GLY A 323 -5.23 -6.14 -15.00
N PHE A 324 -4.86 -5.06 -15.67
CA PHE A 324 -5.71 -3.88 -15.76
C PHE A 324 -6.51 -3.95 -17.05
N ASP A 325 -7.62 -3.23 -17.05
CA ASP A 325 -8.42 -3.00 -18.25
C ASP A 325 -7.56 -2.63 -19.44
N GLN A 326 -7.61 -3.47 -20.49
CA GLN A 326 -6.62 -3.34 -21.56
C GLN A 326 -6.96 -2.19 -22.52
N GLN A 327 -8.23 -1.79 -22.64
CA GLN A 327 -8.52 -0.56 -23.37
C GLN A 327 -7.87 0.63 -22.69
N MET A 328 -7.99 0.72 -21.37
CA MET A 328 -7.39 1.83 -20.65
C MET A 328 -5.87 1.75 -20.70
N ALA A 329 -5.31 0.55 -20.59
CA ALA A 329 -3.85 0.43 -20.65
C ALA A 329 -3.31 0.91 -21.98
N GLU A 330 -4.00 0.57 -23.06
CA GLU A 330 -3.56 1.06 -24.37
C GLU A 330 -3.64 2.59 -24.44
N LYS A 331 -4.71 3.20 -23.90
CA LYS A 331 -4.81 4.64 -23.95
C LYS A 331 -3.71 5.29 -23.12
N VAL A 332 -3.37 4.67 -22.00
CA VAL A 332 -2.26 5.17 -21.16
C VAL A 332 -0.96 5.18 -21.95
N GLY A 333 -0.67 4.06 -22.63
CA GLY A 333 0.59 3.96 -23.35
C GLY A 333 0.62 4.84 -24.58
N ASP A 334 -0.52 4.95 -25.27
CA ASP A 334 -0.59 5.83 -26.44
C ASP A 334 -0.29 7.28 -26.05
N TYR A 335 -0.82 7.74 -24.91
CA TYR A 335 -0.52 9.10 -24.48
C TYR A 335 0.98 9.25 -24.27
N MET A 336 1.60 8.27 -23.58
CA MET A 336 3.03 8.37 -23.31
C MET A 336 3.83 8.42 -24.60
N GLU A 337 3.48 7.57 -25.56
CA GLU A 337 4.20 7.53 -26.83
C GLU A 337 4.06 8.83 -27.61
N ASN A 338 2.90 9.46 -27.53
CA ASN A 338 2.70 10.74 -28.18
C ASN A 338 3.36 11.88 -27.44
N HIS A 339 3.83 11.65 -26.22
CA HIS A 339 4.49 12.68 -25.41
C HIS A 339 5.90 12.29 -24.95
N GLY A 340 6.66 11.66 -25.85
CA GLY A 340 8.09 11.56 -25.71
C GLY A 340 8.61 10.16 -25.46
N VAL A 341 7.80 9.27 -24.90
CA VAL A 341 8.28 7.98 -24.47
C VAL A 341 8.34 7.04 -25.67
N LYS A 342 9.51 6.49 -25.96
CA LYS A 342 9.64 5.47 -27.01
C LYS A 342 9.33 4.09 -26.47
N PHE A 343 8.73 3.24 -27.31
CA PHE A 343 8.37 1.89 -26.92
C PHE A 343 9.04 0.89 -27.86
N ALA A 344 9.85 0.00 -27.29
CA ALA A 344 10.36 -1.18 -28.00
C ALA A 344 9.41 -2.33 -27.72
N LYS A 345 8.48 -2.54 -28.62
CA LYS A 345 7.38 -3.46 -28.43
C LYS A 345 7.74 -4.85 -28.90
N LEU A 346 7.16 -5.83 -28.22
CA LEU A 346 7.38 -7.26 -28.48
C LEU A 346 8.85 -7.58 -28.45
N CYS A 347 9.50 -7.19 -27.36
CA CYS A 347 10.95 -7.18 -27.29
C CYS A 347 11.37 -7.62 -25.90
N VAL A 348 12.42 -8.46 -25.85
CA VAL A 348 13.00 -8.89 -24.58
C VAL A 348 14.51 -8.69 -24.59
N PRO A 349 15.10 -8.48 -23.43
CA PRO A 349 16.54 -8.30 -23.35
C PRO A 349 17.27 -9.62 -23.26
N ASP A 350 18.47 -9.68 -23.83
CA ASP A 350 19.33 -10.87 -23.71
C ASP A 350 20.55 -10.66 -22.84
N GLU A 351 21.10 -9.45 -22.82
CA GLU A 351 22.39 -9.20 -22.19
C GLU A 351 22.55 -7.71 -21.94
N ILE A 352 23.14 -7.35 -20.80
CA ILE A 352 23.58 -5.98 -20.53
C ILE A 352 25.09 -6.02 -20.45
N LYS A 353 25.77 -5.24 -21.29
CA LYS A 353 27.22 -5.10 -21.28
C LYS A 353 27.61 -3.71 -20.78
N GLN A 354 28.67 -3.63 -19.97
CA GLN A 354 29.13 -2.35 -19.45
C GLN A 354 30.09 -1.67 -20.42
N LEU A 355 29.82 -0.41 -20.72
CA LEU A 355 30.72 0.43 -21.54
C LEU A 355 31.39 1.53 -20.74
N LYS A 356 30.77 2.00 -19.67
CA LYS A 356 31.37 2.96 -18.75
C LYS A 356 30.84 2.68 -17.34
N VAL A 357 31.71 2.85 -16.38
CA VAL A 357 31.37 2.71 -14.97
C VAL A 357 30.76 4.02 -14.47
N VAL A 358 29.87 3.92 -13.48
CA VAL A 358 29.24 5.10 -12.90
C VAL A 358 30.30 5.98 -12.27
N ASP A 359 30.20 7.29 -12.52
CA ASP A 359 31.13 8.30 -12.02
C ASP A 359 30.68 8.73 -10.63
N THR A 360 31.35 8.18 -9.61
CA THR A 360 31.05 8.46 -8.21
C THR A 360 31.45 9.88 -7.83
N GLU A 361 32.47 10.43 -8.46
CA GLU A 361 32.97 11.76 -8.10
C GLU A 361 32.08 12.85 -8.68
N ASN A 362 31.85 12.80 -9.99
CA ASN A 362 31.11 13.84 -10.68
C ASN A 362 29.61 13.56 -10.76
N ASN A 363 29.12 12.50 -10.13
CA ASN A 363 27.70 12.12 -10.18
C ASN A 363 27.18 12.15 -11.60
N LYS A 364 27.80 11.33 -12.43
CA LYS A 364 27.33 11.07 -13.78
C LYS A 364 27.07 9.57 -13.95
N PRO A 365 26.11 9.20 -14.79
CA PRO A 365 25.87 7.79 -15.04
C PRO A 365 27.00 7.16 -15.83
N GLY A 366 26.99 5.85 -15.86
CA GLY A 366 27.85 5.09 -16.73
C GLY A 366 27.24 5.00 -18.11
N LEU A 367 27.55 3.91 -18.78
CA LEU A 367 27.05 3.65 -20.13
C LEU A 367 26.96 2.14 -20.34
N LEU A 368 25.88 1.71 -20.96
CA LEU A 368 25.58 0.30 -21.10
C LEU A 368 25.18 0.00 -22.54
N LEU A 369 25.46 -1.21 -22.98
CA LEU A 369 24.95 -1.70 -24.25
C LEU A 369 23.92 -2.76 -23.93
N VAL A 370 22.70 -2.60 -24.45
CA VAL A 370 21.64 -3.56 -24.25
C VAL A 370 21.45 -4.31 -25.55
N LYS A 371 21.57 -5.63 -25.49
CA LYS A 371 21.27 -6.51 -26.61
C LYS A 371 20.01 -7.28 -26.27
N GLY A 372 19.09 -7.36 -27.24
CA GLY A 372 17.87 -8.10 -27.06
C GLY A 372 17.34 -8.56 -28.40
N HIS A 373 16.09 -8.99 -28.41
CA HIS A 373 15.50 -9.40 -29.68
C HIS A 373 13.99 -9.22 -29.70
N TYR A 374 13.49 -8.94 -30.89
CA TYR A 374 12.07 -8.77 -31.14
C TYR A 374 11.44 -10.10 -31.57
N THR A 375 10.12 -10.19 -31.41
CA THR A 375 9.45 -11.42 -31.84
C THR A 375 9.57 -11.64 -33.34
N ASP A 376 9.81 -10.58 -34.10
CA ASP A 376 9.94 -10.74 -35.56
C ASP A 376 11.34 -11.16 -35.98
N GLY A 377 12.21 -11.45 -35.02
CA GLY A 377 13.53 -11.94 -35.32
C GLY A 377 14.59 -10.86 -35.43
N LYS A 378 14.21 -9.60 -35.49
CA LYS A 378 15.20 -8.55 -35.54
C LYS A 378 15.90 -8.38 -34.20
N LYS A 379 17.16 -7.97 -34.28
CA LYS A 379 17.97 -7.78 -33.09
C LYS A 379 17.75 -6.38 -32.55
N PHE A 380 17.82 -6.28 -31.23
CA PHE A 380 17.81 -5.01 -30.51
C PHE A 380 19.23 -4.79 -30.02
N GLU A 381 19.80 -3.64 -30.33
CA GLU A 381 21.12 -3.33 -29.80
C GLU A 381 21.25 -1.82 -29.74
N GLU A 382 21.33 -1.27 -28.53
CA GLU A 382 21.28 0.16 -28.37
C GLU A 382 21.97 0.48 -27.06
N GLU A 383 22.58 1.67 -27.01
CA GLU A 383 23.28 2.12 -25.80
C GLU A 383 22.36 2.96 -24.94
N PHE A 384 22.46 2.77 -23.63
CA PHE A 384 21.75 3.56 -22.65
C PHE A 384 22.67 3.89 -21.50
N GLU A 385 22.44 5.03 -20.88
CA GLU A 385 23.21 5.37 -19.69
C GLU A 385 22.69 4.66 -18.45
N THR A 386 21.38 4.38 -18.41
CA THR A 386 20.77 3.71 -17.28
C THR A 386 19.76 2.69 -17.78
N VAL A 387 19.72 1.54 -17.11
CA VAL A 387 18.80 0.46 -17.44
C VAL A 387 18.07 0.10 -16.16
N ILE A 388 16.75 0.27 -16.16
CA ILE A 388 15.90 0.02 -14.98
C ILE A 388 15.08 -1.22 -15.26
N PHE A 389 15.17 -2.21 -14.38
CA PHE A 389 14.31 -3.39 -14.47
C PHE A 389 13.08 -3.15 -13.60
N ALA A 390 11.90 -3.29 -14.20
CA ALA A 390 10.63 -3.19 -13.50
C ALA A 390 9.75 -4.33 -14.03
N VAL A 391 10.14 -5.55 -13.66
CA VAL A 391 9.57 -6.79 -14.18
C VAL A 391 8.92 -7.61 -13.07
N GLY A 392 8.41 -6.94 -12.05
CA GLY A 392 7.66 -7.58 -10.99
C GLY A 392 8.42 -7.51 -9.68
N ARG A 393 7.69 -7.87 -8.63
CA ARG A 393 8.20 -7.84 -7.26
C ARG A 393 7.88 -9.18 -6.63
N GLU A 394 8.65 -9.56 -5.62
CA GLU A 394 8.49 -10.89 -5.04
C GLU A 394 8.72 -10.88 -3.55
N PRO A 395 7.98 -11.70 -2.81
CA PRO A 395 8.20 -11.81 -1.38
C PRO A 395 9.54 -12.50 -1.12
N GLN A 396 9.97 -12.37 0.10
CA GLN A 396 11.31 -12.76 0.47
C GLN A 396 11.32 -13.64 1.71
N LEU A 397 10.27 -14.42 1.93
CA LEU A 397 10.05 -15.00 3.25
C LEU A 397 10.99 -16.13 3.60
N SER A 398 11.63 -16.77 2.62
CA SER A 398 12.69 -17.73 2.94
C SER A 398 13.55 -17.18 4.06
N LYS A 399 13.88 -15.87 3.99
CA LYS A 399 14.77 -15.22 4.95
C LYS A 399 14.07 -14.77 6.23
N VAL A 400 12.85 -15.22 6.52
CA VAL A 400 12.13 -14.65 7.65
C VAL A 400 11.35 -15.70 8.44
N LEU A 401 11.10 -16.85 7.83
CA LEU A 401 10.47 -17.97 8.52
C LEU A 401 11.30 -19.21 8.21
N CYS A 402 11.83 -19.85 9.24
CA CYS A 402 12.22 -21.24 9.04
C CYS A 402 10.95 -22.00 8.64
N GLU A 403 11.07 -22.81 7.58
CA GLU A 403 9.95 -23.61 7.09
C GLU A 403 9.42 -24.60 8.11
N THR A 404 10.12 -24.82 9.21
CA THR A 404 9.61 -25.72 10.22
C THR A 404 8.56 -25.08 11.12
N VAL A 405 8.34 -23.77 11.02
CA VAL A 405 7.35 -23.14 11.90
C VAL A 405 5.95 -23.58 11.53
N GLY A 406 5.69 -23.82 10.25
CA GLY A 406 4.40 -24.29 9.81
C GLY A 406 3.49 -23.25 9.21
N VAL A 407 4.05 -22.12 8.74
CA VAL A 407 3.30 -21.08 8.04
C VAL A 407 3.24 -21.44 6.55
N LYS A 408 2.03 -21.67 6.06
CA LYS A 408 1.83 -22.12 4.70
C LYS A 408 2.06 -20.98 3.72
N LEU A 409 2.91 -21.20 2.72
CA LEU A 409 3.08 -20.30 1.59
C LEU A 409 2.49 -20.91 0.33
N ASP A 410 2.12 -20.04 -0.61
CA ASP A 410 1.62 -20.50 -1.90
C ASP A 410 2.79 -20.64 -2.89
N LYS A 411 2.48 -20.95 -4.16
CA LYS A 411 3.56 -21.24 -5.09
C LYS A 411 4.43 -20.02 -5.39
N ASN A 412 3.93 -18.80 -5.15
CA ASN A 412 4.71 -17.58 -5.36
C ASN A 412 5.44 -17.12 -4.11
N GLY A 413 5.35 -17.86 -3.01
CA GLY A 413 6.02 -17.49 -1.78
C GLY A 413 5.24 -16.55 -0.89
N ARG A 414 3.96 -16.32 -1.18
CA ARG A 414 3.14 -15.45 -0.35
C ARG A 414 2.39 -16.28 0.68
N VAL A 415 1.94 -15.62 1.73
CA VAL A 415 1.41 -16.30 2.90
C VAL A 415 -0.08 -16.52 2.69
N VAL A 416 -0.52 -17.75 2.91
CA VAL A 416 -1.93 -18.12 2.72
C VAL A 416 -2.68 -17.85 4.01
N CYS A 417 -3.63 -16.91 3.95
CA CYS A 417 -4.29 -16.39 5.13
C CYS A 417 -5.79 -16.60 5.06
N THR A 418 -6.42 -16.70 6.22
CA THR A 418 -7.87 -16.62 6.31
C THR A 418 -8.31 -15.17 6.07
N ASP A 419 -9.63 -14.96 6.07
CA ASP A 419 -10.15 -13.63 5.84
C ASP A 419 -9.94 -12.71 7.03
N ASP A 420 -9.40 -13.19 8.15
CA ASP A 420 -8.97 -12.30 9.24
C ASP A 420 -7.45 -12.27 9.38
N GLU A 421 -6.72 -12.55 8.29
CA GLU A 421 -5.27 -12.42 8.16
C GLU A 421 -4.50 -13.49 8.93
N GLN A 422 -5.19 -14.47 9.47
CA GLN A 422 -4.52 -15.51 10.23
C GLN A 422 -3.82 -16.51 9.31
N THR A 423 -2.58 -16.85 9.64
CA THR A 423 -1.85 -17.88 8.92
C THR A 423 -2.24 -19.25 9.45
N THR A 424 -1.55 -20.27 8.95
CA THR A 424 -1.74 -21.62 9.46
C THR A 424 -1.12 -21.84 10.84
N VAL A 425 -0.42 -20.85 11.40
CA VAL A 425 0.01 -20.88 12.79
C VAL A 425 -0.83 -19.83 13.51
N SER A 426 -1.59 -20.25 14.52
CA SER A 426 -2.79 -19.49 14.85
C SER A 426 -2.51 -18.16 15.53
N ASN A 427 -1.32 -17.95 16.09
CA ASN A 427 -0.93 -16.66 16.68
C ASN A 427 -0.18 -15.77 15.69
N VAL A 428 0.01 -16.22 14.46
CA VAL A 428 0.81 -15.53 13.45
C VAL A 428 -0.12 -15.09 12.33
N TYR A 429 -0.03 -13.82 11.97
CA TYR A 429 -0.88 -13.15 10.99
C TYR A 429 0.04 -12.55 9.92
N ALA A 430 -0.52 -12.31 8.75
CA ALA A 430 0.24 -11.69 7.66
C ALA A 430 -0.63 -10.59 7.04
N ILE A 431 0.00 -9.45 6.77
CA ILE A 431 -0.70 -8.30 6.19
C ILE A 431 0.17 -7.71 5.08
N GLY A 432 -0.49 -6.93 4.23
CA GLY A 432 0.21 -6.21 3.18
C GLY A 432 0.53 -7.11 2.00
N ASP A 433 1.61 -6.77 1.31
CA ASP A 433 1.87 -7.35 0.00
C ASP A 433 2.15 -8.85 0.07
N ILE A 434 2.61 -9.37 1.21
CA ILE A 434 2.89 -10.80 1.31
C ILE A 434 1.66 -11.65 1.56
N ASN A 435 0.51 -11.02 1.81
CA ASN A 435 -0.74 -11.75 2.01
C ASN A 435 -1.30 -12.18 0.67
N ALA A 436 -1.33 -13.48 0.43
CA ALA A 436 -1.65 -13.95 -0.91
C ALA A 436 -3.05 -13.52 -1.32
N GLY A 437 -3.17 -13.09 -2.57
CA GLY A 437 -4.46 -12.83 -3.17
C GLY A 437 -5.01 -11.44 -2.96
N LYS A 438 -4.36 -10.62 -2.13
CA LYS A 438 -4.93 -9.32 -1.81
C LYS A 438 -4.33 -8.23 -2.70
N PRO A 439 -5.08 -7.14 -2.93
CA PRO A 439 -4.52 -5.99 -3.65
C PRO A 439 -3.29 -5.46 -2.92
N GLN A 440 -2.24 -5.23 -3.68
CA GLN A 440 -0.95 -4.89 -3.09
C GLN A 440 -0.80 -3.37 -3.07
N LEU A 441 -1.45 -2.74 -2.10
CA LEU A 441 -1.56 -1.28 -2.05
C LEU A 441 -1.37 -0.82 -0.60
N THR A 442 -0.81 0.38 -0.44
CA THR A 442 -0.50 0.87 0.90
C THR A 442 -1.73 1.06 1.76
N PRO A 443 -2.83 1.64 1.28
CA PRO A 443 -3.98 1.79 2.17
C PRO A 443 -4.64 0.47 2.52
N VAL A 444 -4.53 -0.53 1.66
CA VAL A 444 -4.98 -1.89 2.03
C VAL A 444 -4.17 -2.38 3.23
N ALA A 445 -2.85 -2.26 3.15
CA ALA A 445 -2.01 -2.78 4.23
C ALA A 445 -2.31 -2.07 5.53
N ILE A 446 -2.54 -0.74 5.45
CA ILE A 446 -2.82 0.05 6.67
C ILE A 446 -4.17 -0.34 7.27
N GLN A 447 -5.20 -0.46 6.44
CA GLN A 447 -6.50 -0.85 6.99
C GLN A 447 -6.42 -2.26 7.56
N ALA A 448 -5.76 -3.18 6.84
CA ALA A 448 -5.61 -4.54 7.33
C ALA A 448 -4.92 -4.56 8.69
N GLY A 449 -3.83 -3.82 8.83
CA GLY A 449 -3.08 -3.85 10.07
C GLY A 449 -3.83 -3.18 11.22
N ARG A 450 -4.44 -2.03 10.95
CA ARG A 450 -5.17 -1.36 12.03
C ARG A 450 -6.38 -2.19 12.46
N TYR A 451 -7.12 -2.75 11.51
CA TYR A 451 -8.30 -3.53 11.87
C TYR A 451 -7.89 -4.83 12.58
N LEU A 452 -6.79 -5.44 12.15
CA LEU A 452 -6.32 -6.65 12.82
C LEU A 452 -5.94 -6.35 14.26
N ALA A 453 -5.19 -5.26 14.47
CA ALA A 453 -4.78 -4.90 15.83
C ALA A 453 -6.00 -4.72 16.73
N ARG A 454 -7.08 -4.15 16.19
CA ARG A 454 -8.28 -3.95 16.98
C ARG A 454 -8.95 -5.26 17.34
N ARG A 455 -8.98 -6.20 16.40
CA ARG A 455 -9.55 -7.51 16.72
C ARG A 455 -8.71 -8.23 17.76
N LEU A 456 -7.38 -8.13 17.64
CA LEU A 456 -6.52 -8.89 18.55
C LEU A 456 -6.61 -8.33 19.95
N PHE A 457 -6.60 -7.01 20.09
CA PHE A 457 -6.36 -6.43 21.40
C PHE A 457 -7.50 -5.56 21.92
N ALA A 458 -8.57 -5.33 21.16
CA ALA A 458 -9.69 -4.54 21.66
C ALA A 458 -11.04 -5.20 21.42
N GLY A 459 -11.05 -6.48 21.05
CA GLY A 459 -12.30 -7.21 20.88
C GLY A 459 -13.10 -6.84 19.66
N ALA A 460 -12.53 -6.12 18.70
CA ALA A 460 -13.30 -5.79 17.52
C ALA A 460 -13.57 -7.03 16.69
N THR A 461 -14.60 -6.94 15.85
CA THR A 461 -14.95 -8.01 14.93
C THR A 461 -14.82 -7.61 13.46
N GLU A 462 -14.73 -6.32 13.17
CA GLU A 462 -14.74 -5.88 11.78
C GLU A 462 -13.53 -6.43 11.01
N LEU A 463 -13.80 -7.01 9.86
CA LEU A 463 -12.79 -7.46 8.91
C LEU A 463 -12.51 -6.37 7.90
N THR A 464 -11.34 -6.49 7.24
CA THR A 464 -11.03 -5.64 6.10
C THR A 464 -11.77 -6.17 4.88
N ASP A 465 -12.39 -5.26 4.13
CA ASP A 465 -13.06 -5.62 2.88
C ASP A 465 -12.10 -5.36 1.74
N TYR A 466 -11.72 -6.42 1.03
CA TYR A 466 -10.73 -6.32 -0.03
C TYR A 466 -11.36 -6.19 -1.41
N SER A 467 -12.67 -6.01 -1.48
CA SER A 467 -13.36 -5.95 -2.76
C SER A 467 -13.51 -4.51 -3.24
N ASN A 468 -13.46 -4.36 -4.56
CA ASN A 468 -13.63 -3.05 -5.21
C ASN A 468 -12.68 -1.99 -4.65
N VAL A 469 -11.43 -2.38 -4.41
CA VAL A 469 -10.42 -1.43 -3.93
C VAL A 469 -9.93 -0.58 -5.11
N ALA A 470 -10.11 0.73 -5.03
CA ALA A 470 -9.75 1.63 -6.11
C ALA A 470 -8.23 1.78 -6.18
N THR A 471 -7.77 2.15 -7.37
CA THR A 471 -6.35 2.28 -7.66
C THR A 471 -6.14 3.51 -8.55
N THR A 472 -4.91 4.01 -8.59
CA THR A 472 -4.56 5.01 -9.59
C THR A 472 -3.13 4.78 -10.01
N VAL A 473 -2.93 4.74 -11.32
CA VAL A 473 -1.62 4.66 -11.96
C VAL A 473 -1.21 6.08 -12.32
N PHE A 474 -0.10 6.53 -11.75
CA PHE A 474 0.34 7.92 -11.87
C PHE A 474 1.30 8.09 -13.05
N THR A 475 0.81 7.64 -14.22
CA THR A 475 1.45 7.90 -15.48
C THR A 475 1.25 9.36 -15.86
N PRO A 476 1.93 9.83 -16.92
CA PRO A 476 1.83 11.26 -17.23
C PRO A 476 0.40 11.76 -17.34
N LEU A 477 -0.44 10.99 -18.03
CA LEU A 477 -1.89 11.11 -17.92
C LEU A 477 -2.35 9.97 -17.04
N GLU A 478 -2.94 10.31 -15.91
CA GLU A 478 -3.20 9.38 -14.83
C GLU A 478 -4.40 8.51 -15.16
N TYR A 479 -4.42 7.31 -14.57
CA TYR A 479 -5.50 6.34 -14.80
C TYR A 479 -6.03 5.84 -13.47
N GLY A 480 -7.27 6.19 -13.16
CA GLY A 480 -7.92 5.74 -11.93
C GLY A 480 -8.98 4.70 -12.25
N ALA A 481 -9.12 3.73 -11.34
CA ALA A 481 -10.07 2.65 -11.59
C ALA A 481 -10.63 2.15 -10.26
N CYS A 482 -11.87 1.69 -10.31
CA CYS A 482 -12.48 1.02 -9.16
C CYS A 482 -13.40 -0.06 -9.68
N GLY A 483 -13.14 -1.32 -9.32
CA GLY A 483 -13.99 -2.44 -9.71
C GLY A 483 -13.42 -3.18 -10.91
N LEU A 484 -14.32 -3.83 -11.64
CA LEU A 484 -13.90 -4.73 -12.69
C LEU A 484 -13.47 -3.98 -13.95
N SER A 485 -12.46 -4.53 -14.61
CA SER A 485 -12.21 -4.19 -15.99
C SER A 485 -13.40 -4.61 -16.84
N GLU A 486 -13.51 -4.00 -18.02
CA GLU A 486 -14.59 -4.37 -18.92
C GLU A 486 -14.48 -5.83 -19.32
N GLU A 487 -13.28 -6.29 -19.65
CA GLU A 487 -13.17 -7.68 -20.10
C GLU A 487 -13.47 -8.66 -18.97
N ASP A 488 -13.08 -8.36 -17.73
CA ASP A 488 -13.43 -9.27 -16.64
C ASP A 488 -14.94 -9.28 -16.39
N ALA A 489 -15.61 -8.15 -16.56
CA ALA A 489 -17.06 -8.11 -16.34
C ALA A 489 -17.78 -8.96 -17.39
N ILE A 490 -17.36 -8.85 -18.64
CA ILE A 490 -17.93 -9.63 -19.73
C ILE A 490 -17.61 -11.11 -19.54
N GLU A 491 -16.41 -11.43 -19.09
CA GLU A 491 -16.09 -12.82 -18.82
C GLU A 491 -17.00 -13.40 -17.73
N LYS A 492 -17.25 -12.64 -16.66
CA LYS A 492 -18.03 -13.18 -15.54
C LYS A 492 -19.52 -13.26 -15.86
N TYR A 493 -20.08 -12.28 -16.54
CA TYR A 493 -21.53 -12.18 -16.65
C TYR A 493 -22.04 -12.38 -18.07
N GLY A 494 -21.17 -12.41 -19.06
CA GLY A 494 -21.60 -12.48 -20.43
C GLY A 494 -21.82 -11.13 -21.05
N ASP A 495 -21.46 -11.02 -22.33
CA ASP A 495 -21.55 -9.76 -23.04
C ASP A 495 -22.97 -9.23 -23.10
N LYS A 496 -23.97 -10.10 -23.11
CA LYS A 496 -25.33 -9.60 -23.24
C LYS A 496 -25.84 -8.96 -21.96
N ASP A 497 -25.22 -9.26 -20.82
CA ASP A 497 -25.61 -8.68 -19.55
C ASP A 497 -24.77 -7.44 -19.19
N ILE A 498 -23.90 -6.96 -20.06
CA ILE A 498 -23.01 -5.85 -19.74
C ILE A 498 -23.34 -4.68 -20.64
N GLU A 499 -23.53 -3.51 -20.04
CA GLU A 499 -23.67 -2.27 -20.78
C GLU A 499 -22.55 -1.36 -20.36
N VAL A 500 -21.92 -0.68 -21.31
CA VAL A 500 -20.81 0.21 -21.03
C VAL A 500 -21.17 1.60 -21.53
N TYR A 501 -21.19 2.56 -20.61
CA TYR A 501 -21.41 3.97 -20.91
C TYR A 501 -20.05 4.63 -20.94
N HIS A 502 -19.79 5.49 -21.92
CA HIS A 502 -18.46 6.09 -21.97
C HIS A 502 -18.53 7.44 -22.66
N SER A 503 -17.45 8.21 -22.49
CA SER A 503 -17.32 9.52 -23.11
C SER A 503 -15.84 9.94 -23.07
N ASN A 504 -15.40 10.57 -24.14
CA ASN A 504 -14.22 11.40 -24.01
C ASN A 504 -14.55 12.67 -23.22
N PHE A 505 -13.52 13.40 -22.81
CA PHE A 505 -13.70 14.74 -22.27
C PHE A 505 -12.40 15.51 -22.40
N LYS A 506 -12.47 16.82 -22.16
CA LYS A 506 -11.30 17.67 -22.24
C LYS A 506 -11.29 18.53 -20.98
N PRO A 507 -10.26 18.44 -20.16
CA PRO A 507 -10.19 19.36 -19.01
C PRO A 507 -10.25 20.80 -19.47
N LEU A 508 -11.00 21.64 -18.75
CA LEU A 508 -11.04 23.05 -19.10
C LEU A 508 -9.63 23.63 -19.12
N GLU A 509 -8.77 23.16 -18.21
CA GLU A 509 -7.39 23.62 -18.11
C GLU A 509 -6.60 23.41 -19.40
N TRP A 510 -7.03 22.46 -20.22
CA TRP A 510 -6.35 22.12 -21.46
C TRP A 510 -6.77 22.97 -22.65
N THR A 511 -7.83 23.80 -22.53
CA THR A 511 -8.34 24.54 -23.68
C THR A 511 -7.39 25.67 -24.05
N VAL A 512 -7.18 26.61 -23.14
CA VAL A 512 -6.28 27.73 -23.41
C VAL A 512 -4.85 27.23 -23.64
N ALA A 513 -4.51 26.09 -23.04
CA ALA A 513 -3.19 25.51 -23.13
C ALA A 513 -2.95 24.74 -24.42
N HIS A 514 -3.97 24.59 -25.27
CA HIS A 514 -3.80 23.95 -26.58
C HIS A 514 -3.40 22.48 -26.46
N ARG A 515 -3.93 21.79 -25.45
CA ARG A 515 -3.78 20.36 -25.36
C ARG A 515 -4.94 19.64 -26.03
N GLU A 516 -4.91 18.32 -25.94
CA GLU A 516 -5.71 17.47 -26.83
C GLU A 516 -7.21 17.42 -26.52
N ASP A 517 -8.02 17.45 -27.58
CA ASP A 517 -9.39 16.95 -27.51
C ASP A 517 -9.38 15.42 -27.53
N ASN A 518 -10.42 14.83 -26.95
CA ASN A 518 -10.76 13.43 -27.18
C ASN A 518 -9.60 12.48 -26.85
N VAL A 519 -8.88 12.77 -25.78
CA VAL A 519 -7.87 11.88 -25.26
C VAL A 519 -8.22 11.40 -23.85
N CYS A 520 -8.53 12.34 -22.95
CA CYS A 520 -9.11 11.91 -21.67
C CYS A 520 -10.43 11.18 -21.94
N TYR A 521 -10.73 10.19 -21.08
CA TYR A 521 -11.75 9.19 -21.39
C TYR A 521 -12.23 8.60 -20.08
N MET A 522 -13.53 8.32 -19.99
CA MET A 522 -14.07 7.63 -18.85
C MET A 522 -15.17 6.66 -19.28
N LYS A 523 -15.37 5.63 -18.47
CA LYS A 523 -16.42 4.67 -18.75
C LYS A 523 -16.93 4.05 -17.46
N LEU A 524 -18.20 3.66 -17.49
CA LEU A 524 -18.84 2.87 -16.46
C LEU A 524 -19.26 1.54 -17.07
N VAL A 525 -18.82 0.46 -16.47
CA VAL A 525 -19.12 -0.91 -16.89
C VAL A 525 -20.24 -1.39 -15.97
N CYS A 526 -21.42 -1.66 -16.52
CA CYS A 526 -22.60 -1.91 -15.72
C CYS A 526 -23.23 -3.25 -16.04
N ARG A 527 -24.00 -3.77 -15.07
CA ARG A 527 -24.68 -5.07 -15.21
C ARG A 527 -26.17 -4.82 -15.45
N LYS A 528 -26.63 -5.21 -16.64
CA LYS A 528 -28.00 -4.91 -17.06
C LYS A 528 -29.01 -5.56 -16.14
N SER A 529 -28.81 -6.83 -15.82
CA SER A 529 -29.80 -7.59 -15.06
C SER A 529 -29.85 -7.22 -13.58
N ASP A 530 -28.92 -6.41 -13.10
CA ASP A 530 -28.90 -6.00 -11.70
C ASP A 530 -29.09 -4.49 -11.60
N ASN A 531 -30.15 -3.97 -12.23
CA ASN A 531 -30.50 -2.56 -12.16
C ASN A 531 -29.36 -1.66 -12.66
N MET A 532 -28.58 -2.13 -13.63
CA MET A 532 -27.47 -1.33 -14.19
C MET A 532 -26.47 -0.96 -13.09
N ARG A 533 -26.23 -1.92 -12.18
CA ARG A 533 -25.19 -1.83 -11.16
C ARG A 533 -23.86 -1.48 -11.77
N VAL A 534 -23.15 -0.52 -11.16
CA VAL A 534 -21.83 -0.18 -11.67
C VAL A 534 -20.83 -1.23 -11.17
N LEU A 535 -20.29 -2.02 -12.10
CA LEU A 535 -19.32 -3.05 -11.79
C LEU A 535 -17.89 -2.53 -11.84
N GLY A 536 -17.64 -1.52 -12.68
CA GLY A 536 -16.33 -0.95 -12.78
C GLY A 536 -16.38 0.45 -13.32
N LEU A 537 -15.54 1.30 -12.76
CA LEU A 537 -15.38 2.71 -13.14
C LEU A 537 -13.93 2.93 -13.55
N HIS A 538 -13.73 3.67 -14.65
CA HIS A 538 -12.42 3.87 -15.26
C HIS A 538 -12.31 5.30 -15.77
N VAL A 539 -11.21 5.99 -15.44
CA VAL A 539 -11.02 7.36 -15.91
C VAL A 539 -9.56 7.61 -16.22
N LEU A 540 -9.31 8.12 -17.42
CA LEU A 540 -8.00 8.60 -17.86
C LEU A 540 -8.06 10.12 -17.92
N GLY A 541 -7.28 10.78 -17.08
CA GLY A 541 -7.29 12.22 -17.01
C GLY A 541 -6.47 12.76 -15.86
N PRO A 542 -6.34 14.08 -15.79
CA PRO A 542 -5.58 14.68 -14.66
C PRO A 542 -6.28 14.40 -13.34
N ASN A 543 -5.47 14.33 -12.28
CA ASN A 543 -5.97 14.20 -10.93
C ASN A 543 -6.89 12.98 -10.80
N ALA A 544 -6.55 11.90 -11.48
CA ALA A 544 -7.47 10.77 -11.56
C ALA A 544 -7.72 10.10 -10.21
N GLY A 545 -6.75 10.15 -9.32
CA GLY A 545 -6.97 9.63 -7.98
C GLY A 545 -7.96 10.46 -7.18
N GLU A 546 -7.91 11.77 -7.32
CA GLU A 546 -8.90 12.60 -6.65
C GLU A 546 -10.28 12.35 -7.25
N ILE A 547 -10.33 12.21 -8.58
CA ILE A 547 -11.63 11.92 -9.23
C ILE A 547 -12.21 10.63 -8.68
N THR A 548 -11.39 9.56 -8.66
CA THR A 548 -11.91 8.22 -8.46
C THR A 548 -12.33 7.98 -7.02
N GLN A 549 -11.61 8.58 -6.06
CA GLN A 549 -11.77 8.15 -4.66
C GLN A 549 -13.21 8.15 -4.19
N GLY A 550 -13.92 9.27 -4.35
CA GLY A 550 -15.25 9.38 -3.80
C GLY A 550 -16.22 8.37 -4.39
N TYR A 551 -16.05 8.07 -5.67
CA TYR A 551 -16.93 7.07 -6.29
C TYR A 551 -16.74 5.68 -5.69
N ALA A 552 -15.55 5.39 -5.12
CA ALA A 552 -15.35 4.09 -4.52
C ALA A 552 -16.26 3.88 -3.35
N VAL A 553 -16.65 4.96 -2.67
CA VAL A 553 -17.62 4.83 -1.57
C VAL A 553 -18.97 4.41 -2.14
N ALA A 554 -19.38 5.09 -3.20
CA ALA A 554 -20.66 4.77 -3.83
C ALA A 554 -20.68 3.37 -4.40
N ILE A 555 -19.59 2.93 -5.03
CA ILE A 555 -19.53 1.58 -5.57
C ILE A 555 -19.59 0.55 -4.43
N LYS A 556 -18.91 0.83 -3.32
CA LYS A 556 -19.02 -0.06 -2.16
C LYS A 556 -20.47 -0.18 -1.69
N MET A 557 -21.22 0.90 -1.79
CA MET A 557 -22.63 0.93 -1.40
C MET A 557 -23.55 0.36 -2.47
N GLY A 558 -23.03 -0.08 -3.60
CA GLY A 558 -23.87 -0.70 -4.62
C GLY A 558 -24.47 0.29 -5.61
N ALA A 559 -23.74 1.35 -5.94
CA ALA A 559 -24.25 2.35 -6.88
C ALA A 559 -24.66 1.74 -8.20
N THR A 560 -25.74 2.27 -8.76
CA THR A 560 -26.20 1.95 -10.10
C THR A 560 -25.96 3.14 -11.02
N LYS A 561 -26.16 2.92 -12.32
CA LYS A 561 -26.14 4.05 -13.24
C LYS A 561 -27.14 5.12 -12.83
N ALA A 562 -28.33 4.72 -12.36
CA ALA A 562 -29.31 5.73 -11.98
C ALA A 562 -28.83 6.59 -10.83
N ASP A 563 -28.03 6.03 -9.92
CA ASP A 563 -27.47 6.83 -8.83
C ASP A 563 -26.52 7.90 -9.36
N PHE A 564 -25.72 7.54 -10.37
CA PHE A 564 -24.85 8.52 -10.98
C PHE A 564 -25.67 9.58 -11.70
N ASP A 565 -26.70 9.17 -12.44
CA ASP A 565 -27.47 10.14 -13.23
C ASP A 565 -28.19 11.15 -12.35
N ARG A 566 -28.75 10.71 -11.22
CA ARG A 566 -29.54 11.61 -10.40
C ARG A 566 -28.67 12.58 -9.61
N THR A 567 -27.38 12.30 -9.47
CA THR A 567 -26.44 13.21 -8.83
C THR A 567 -26.11 14.36 -9.78
N ILE A 568 -26.01 15.58 -9.24
CA ILE A 568 -25.72 16.77 -10.02
C ILE A 568 -24.21 17.01 -10.08
N GLY A 569 -23.72 17.35 -11.25
CA GLY A 569 -22.29 17.64 -11.39
C GLY A 569 -21.87 18.93 -10.71
N ILE A 570 -20.57 18.99 -10.37
CA ILE A 570 -19.87 20.22 -9.99
C ILE A 570 -19.18 20.76 -11.24
N HIS A 571 -19.37 22.04 -11.53
CA HIS A 571 -18.87 22.61 -12.77
C HIS A 571 -17.99 23.82 -12.48
N PRO A 572 -16.86 23.98 -13.19
CA PRO A 572 -16.27 23.06 -14.17
C PRO A 572 -15.27 22.10 -13.55
N THR A 573 -15.49 20.81 -13.72
CA THR A 573 -14.56 19.77 -13.27
C THR A 573 -14.48 18.69 -14.32
N CYS A 574 -13.42 17.88 -14.24
CA CYS A 574 -13.39 16.64 -15.03
C CYS A 574 -14.37 15.62 -14.48
N SER A 575 -14.45 15.48 -13.17
CA SER A 575 -15.23 14.41 -12.56
C SER A 575 -16.72 14.48 -12.89
N GLU A 576 -17.26 15.67 -13.11
CA GLU A 576 -18.71 15.82 -13.35
C GLU A 576 -19.17 15.06 -14.58
N THR A 577 -18.27 14.73 -15.51
CA THR A 577 -18.71 14.01 -16.70
C THR A 577 -19.28 12.64 -16.35
N PHE A 578 -18.92 12.07 -15.19
CA PHE A 578 -19.51 10.81 -14.75
C PHE A 578 -20.99 10.93 -14.48
N THR A 579 -21.49 12.16 -14.27
CA THR A 579 -22.90 12.30 -13.89
C THR A 579 -23.81 12.49 -15.09
N THR A 580 -23.27 12.57 -16.31
CA THR A 580 -24.10 12.75 -17.50
C THR A 580 -23.76 11.80 -18.64
N LEU A 581 -23.21 10.63 -18.35
CA LEU A 581 -22.85 9.71 -19.41
C LEU A 581 -24.12 9.12 -20.03
N HIS A 582 -24.10 9.00 -21.36
CA HIS A 582 -25.27 8.46 -22.06
C HIS A 582 -24.93 7.60 -23.26
N VAL A 583 -23.76 7.73 -23.88
CA VAL A 583 -23.41 6.90 -25.03
C VAL A 583 -23.02 5.50 -24.54
N THR A 584 -23.67 4.48 -25.09
CA THR A 584 -23.30 3.10 -24.81
C THR A 584 -22.37 2.57 -25.89
N LYS A 585 -21.52 1.63 -25.51
CA LYS A 585 -20.70 0.95 -26.51
C LYS A 585 -21.57 0.17 -27.48
N LYS A 586 -22.63 -0.49 -27.01
CA LYS A 586 -23.49 -1.26 -27.90
C LYS A 586 -24.09 -0.41 -29.00
N SER A 587 -24.36 0.87 -28.72
CA SER A 587 -24.98 1.74 -29.72
C SER A 587 -24.05 2.03 -30.88
N GLY A 588 -22.75 1.82 -30.70
CA GLY A 588 -21.78 2.17 -31.73
C GLY A 588 -21.57 3.65 -31.97
N VAL A 589 -22.24 4.53 -31.22
CA VAL A 589 -22.06 5.97 -31.38
C VAL A 589 -20.71 6.38 -30.82
N SER A 590 -20.05 7.31 -31.49
CA SER A 590 -18.69 7.66 -31.07
C SER A 590 -18.71 8.36 -29.71
N PRO A 591 -17.74 8.08 -28.84
CA PRO A 591 -17.67 8.77 -27.54
C PRO A 591 -17.03 10.14 -27.62
N ILE A 592 -16.54 10.57 -28.79
CA ILE A 592 -15.89 11.87 -28.87
C ILE A 592 -16.90 12.97 -28.59
N VAL A 593 -16.39 14.09 -28.08
CA VAL A 593 -17.24 15.24 -27.78
C VAL A 593 -16.70 16.47 -28.50
#